data_8JA8
#
_entry.id   8JA8
#
_cell.length_a   57.961
_cell.length_b   62.962
_cell.length_c   144.402
_cell.angle_alpha   90.000
_cell.angle_beta   90.000
_cell.angle_gamma   90.000
#
_symmetry.space_group_name_H-M   'P 21 21 21'
#
loop_
_entity.id
_entity.type
_entity.pdbx_description
1 polymer 'Trehalose-binding lipoprotein LpqY'
2 branched alpha-D-glucopyranose-(1-1)-alpha-D-glucopyranose
3 non-polymer 'SULFATE ION'
4 water water
#
_entity_poly.entity_id   1
_entity_poly.type   'polypeptide(L)'
_entity_poly.pdbx_seq_one_letter_code
;VVMSRGRIPRLGAAVLVALTTAAAACGADSQGLVVSFYTPATDGATFTAIAQRCNQQFGGRFTIAQVSLPRSPNEQRLQL
ARRLTGNDRTLDVMALDVVWTAEFAEAGWALPLSDDPAGLAENDAVADTLPGPLATAGWNHKLYAAPVTTNTQLLWYRPD
LVNSPPTDWNAMIAEAARLHAAGEPSWIAVQANQGEGLVVWFNTLLVSAGGSVLSEDGRHVTLTDTPAHRAATVSALQIL
KSVATTPGADPSITRTEEGSARLAFEQGKAALEVNWPFVFASMLENAVKGGVPFLPLNRIPQLAGSINDIGTFTPSDEQF
RIAYDASQQVFGFAPYPAVAPGQPAKVTIGGLNLAVAKTTRHRAEAFEAVRCLRDQHNQRYVSLEGGLPAVRASLYSDPQ
FQAKYPMHAIIRQQLTDAAVRPATPVYQALSIRLAAVLSPITEIDPESTADELAAQAQKAIDGMGLLP
;
_entity_poly.pdbx_strand_id   A
#
loop_
_chem_comp.id
_chem_comp.type
_chem_comp.name
_chem_comp.formula
GLC D-saccharide, alpha linking alpha-D-glucopyranose 'C6 H12 O6'
SO4 non-polymer 'SULFATE ION' 'O4 S -2'
#
# COMPACT_ATOMS: atom_id res chain seq x y z
N GLY A 32 -29.10 -16.55 -9.16
CA GLY A 32 -28.05 -17.48 -8.80
C GLY A 32 -27.40 -17.17 -7.45
N LEU A 33 -26.42 -17.98 -7.10
CA LEU A 33 -25.72 -17.80 -5.83
C LEU A 33 -24.95 -16.47 -5.86
N VAL A 34 -24.63 -16.01 -4.66
CA VAL A 34 -23.85 -14.78 -4.47
C VAL A 34 -22.52 -15.13 -3.85
N VAL A 35 -21.44 -14.67 -4.47
CA VAL A 35 -20.07 -14.77 -3.95
C VAL A 35 -19.76 -13.45 -3.24
N SER A 36 -19.66 -13.46 -1.92
CA SER A 36 -19.32 -12.20 -1.23
C SER A 36 -17.84 -11.91 -1.43
N PHE A 37 -17.52 -10.62 -1.40
CA PHE A 37 -16.13 -10.19 -1.75
C PHE A 37 -15.83 -9.05 -0.79
N TYR A 38 -15.08 -9.36 0.25
CA TYR A 38 -14.76 -8.38 1.30
C TYR A 38 -13.49 -7.62 0.95
N THR A 39 -13.56 -6.29 1.02
CA THR A 39 -12.42 -5.47 0.63
C THR A 39 -12.34 -4.28 1.56
N PRO A 40 -11.17 -3.64 1.69
CA PRO A 40 -11.14 -2.38 2.46
C PRO A 40 -12.16 -1.39 1.95
N ALA A 41 -12.82 -0.63 2.89
CA ALA A 41 -13.87 0.30 2.46
C ALA A 41 -13.35 1.36 1.52
N THR A 42 -12.14 1.81 1.73
CA THR A 42 -11.64 2.86 0.84
C THR A 42 -11.43 2.39 -0.59
N ASP A 43 -11.30 1.09 -0.83
CA ASP A 43 -11.24 0.54 -2.17
C ASP A 43 -12.59 -0.02 -2.61
N GLY A 44 -13.64 0.25 -1.81
CA GLY A 44 -14.91 -0.42 -2.06
C GLY A 44 -15.50 -0.01 -3.40
N ALA A 45 -15.44 1.27 -3.73
CA ALA A 45 -16.05 1.70 -4.98
C ALA A 45 -15.35 1.05 -6.15
N THR A 46 -14.01 1.01 -6.11
CA THR A 46 -13.24 0.40 -7.20
C THR A 46 -13.59 -1.07 -7.34
N PHE A 47 -13.68 -1.77 -6.20
CA PHE A 47 -13.92 -3.18 -6.33
C PHE A 47 -15.38 -3.46 -6.65
N THR A 48 -16.29 -2.52 -6.26
CA THR A 48 -17.67 -2.65 -6.68
C THR A 48 -17.78 -2.56 -8.20
N ALA A 49 -17.04 -1.61 -8.79
CA ALA A 49 -17.08 -1.49 -10.24
C ALA A 49 -16.54 -2.74 -10.93
N ILE A 50 -15.44 -3.30 -10.40
CA ILE A 50 -14.84 -4.47 -11.01
C ILE A 50 -15.80 -5.64 -10.89
N ALA A 51 -16.45 -5.75 -9.73
CA ALA A 51 -17.39 -6.84 -9.52
C ALA A 51 -18.55 -6.71 -10.49
N GLN A 52 -19.03 -5.47 -10.70
CA GLN A 52 -20.15 -5.29 -11.62
C GLN A 52 -19.79 -5.74 -13.03
N ARG A 53 -18.53 -5.47 -13.47
CA ARG A 53 -18.12 -5.96 -14.79
C ARG A 53 -18.09 -7.46 -14.81
N CYS A 54 -17.54 -8.04 -13.74
CA CYS A 54 -17.42 -9.52 -13.61
C CYS A 54 -18.82 -10.17 -13.52
N ASN A 55 -19.87 -9.40 -13.21
CA ASN A 55 -21.21 -9.96 -13.09
C ASN A 55 -21.89 -10.03 -14.44
N GLN A 56 -21.46 -9.20 -15.38
CA GLN A 56 -21.99 -9.33 -16.73
C GLN A 56 -21.53 -10.58 -17.46
N GLN A 57 -20.48 -11.25 -16.97
CA GLN A 57 -19.88 -12.36 -17.77
C GLN A 57 -20.08 -13.76 -17.18
N PHE A 58 -20.86 -13.92 -16.11
CA PHE A 58 -21.05 -15.26 -15.60
C PHE A 58 -22.31 -15.97 -16.15
N GLY A 59 -22.99 -15.36 -17.11
CA GLY A 59 -24.16 -16.02 -17.71
C GLY A 59 -25.26 -16.27 -16.71
N GLY A 60 -25.44 -15.36 -15.75
CA GLY A 60 -26.41 -15.52 -14.69
C GLY A 60 -26.07 -16.66 -13.75
N ARG A 61 -24.94 -17.32 -13.96
CA ARG A 61 -24.61 -18.47 -13.10
C ARG A 61 -24.44 -18.01 -11.66
N PHE A 62 -23.81 -16.83 -11.43
CA PHE A 62 -23.68 -16.25 -10.09
C PHE A 62 -23.31 -14.77 -10.16
N THR A 63 -23.32 -14.12 -8.96
CA THR A 63 -23.14 -12.69 -8.81
C THR A 63 -22.05 -12.51 -7.77
N ILE A 64 -21.11 -11.56 -8.00
CA ILE A 64 -20.22 -11.15 -6.91
C ILE A 64 -20.81 -9.93 -6.23
N ALA A 65 -20.76 -9.92 -4.87
CA ALA A 65 -21.27 -8.79 -4.07
C ALA A 65 -20.14 -8.25 -3.19
N GLN A 66 -19.70 -7.05 -3.50
CA GLN A 66 -18.63 -6.44 -2.68
C GLN A 66 -19.18 -6.00 -1.32
N VAL A 67 -18.37 -6.19 -0.26
CA VAL A 67 -18.74 -5.78 1.10
C VAL A 67 -17.52 -5.09 1.71
N SER A 68 -17.73 -3.95 2.34
CA SER A 68 -16.57 -3.20 2.81
C SER A 68 -16.14 -3.60 4.23
N LEU A 69 -14.83 -3.55 4.46
CA LEU A 69 -14.07 -3.71 5.69
C LEU A 69 -13.52 -2.35 6.16
N PRO A 70 -13.04 -2.29 7.36
CA PRO A 70 -12.64 -0.97 7.90
C PRO A 70 -11.30 -0.52 7.32
N ARG A 71 -10.85 0.63 7.82
CA ARG A 71 -9.71 1.32 7.19
C ARG A 71 -8.37 0.63 7.47
N SER A 72 -8.12 0.20 8.75
CA SER A 72 -6.76 -0.18 9.06
C SER A 72 -6.56 -1.65 8.74
N PRO A 73 -5.34 -2.06 8.33
CA PRO A 73 -5.11 -3.51 8.10
C PRO A 73 -5.53 -4.37 9.30
N ASN A 74 -5.32 -3.88 10.53
CA ASN A 74 -5.61 -4.69 11.70
C ASN A 74 -7.13 -4.88 11.86
N GLU A 75 -7.94 -3.84 11.59
CA GLU A 75 -9.39 -3.99 11.66
C GLU A 75 -9.93 -4.78 10.48
N GLN A 76 -9.31 -4.68 9.29
CA GLN A 76 -9.68 -5.59 8.19
C GLN A 76 -9.54 -7.05 8.65
N ARG A 77 -8.40 -7.35 9.26
CA ARG A 77 -8.09 -8.69 9.73
C ARG A 77 -9.08 -9.13 10.78
N LEU A 78 -9.37 -8.25 11.73
CA LEU A 78 -10.19 -8.60 12.87
C LEU A 78 -11.60 -8.96 12.43
N GLN A 79 -12.18 -8.18 11.52
CA GLN A 79 -13.53 -8.51 11.02
C GLN A 79 -13.53 -9.86 10.35
N LEU A 80 -12.52 -10.09 9.51
CA LEU A 80 -12.46 -11.38 8.80
C LEU A 80 -12.25 -12.55 9.77
N ALA A 81 -11.29 -12.41 10.70
CA ALA A 81 -11.00 -13.47 11.67
C ALA A 81 -12.23 -13.83 12.50
N ARG A 82 -13.03 -12.84 12.87
CA ARG A 82 -14.22 -13.13 13.66
C ARG A 82 -15.25 -13.88 12.83
N ARG A 83 -15.37 -13.53 11.55
CA ARG A 83 -16.29 -14.33 10.68
C ARG A 83 -15.77 -15.75 10.48
N LEU A 84 -14.45 -15.90 10.33
CA LEU A 84 -13.90 -17.21 10.02
C LEU A 84 -14.00 -18.13 11.23
N THR A 85 -13.72 -17.60 12.44
CA THR A 85 -13.82 -18.44 13.62
C THR A 85 -15.28 -18.67 13.98
N GLY A 86 -16.15 -17.74 13.61
CA GLY A 86 -17.59 -17.87 13.83
C GLY A 86 -18.27 -18.75 12.80
N ASN A 87 -17.51 -19.22 11.82
CA ASN A 87 -18.03 -20.11 10.76
C ASN A 87 -19.18 -19.47 9.97
N ASP A 88 -18.98 -18.22 9.58
CA ASP A 88 -19.92 -17.48 8.75
C ASP A 88 -19.93 -18.09 7.35
N ARG A 89 -21.00 -18.86 7.02
CA ARG A 89 -20.91 -19.61 5.78
C ARG A 89 -21.21 -18.75 4.56
N THR A 90 -21.55 -17.50 4.75
CA THR A 90 -21.73 -16.59 3.61
C THR A 90 -20.44 -15.86 3.19
N LEU A 91 -19.34 -16.03 3.92
CA LEU A 91 -18.06 -15.36 3.60
C LEU A 91 -17.32 -16.18 2.56
N ASP A 92 -17.01 -15.59 1.39
CA ASP A 92 -16.43 -16.32 0.25
C ASP A 92 -15.04 -15.85 -0.11
N VAL A 93 -14.88 -14.62 -0.64
CA VAL A 93 -13.61 -14.09 -1.15
C VAL A 93 -13.20 -12.91 -0.27
N MET A 94 -11.92 -12.89 0.09
CA MET A 94 -11.40 -11.79 0.93
C MET A 94 -10.17 -11.16 0.28
N ALA A 95 -10.17 -9.83 0.19
CA ALA A 95 -8.95 -9.12 -0.24
C ALA A 95 -8.08 -8.84 0.97
N LEU A 96 -7.00 -9.58 1.09
CA LEU A 96 -6.16 -9.57 2.29
C LEU A 96 -4.95 -8.71 2.05
N ASP A 97 -4.66 -7.88 3.03
CA ASP A 97 -3.33 -7.24 3.05
C ASP A 97 -2.26 -8.30 2.94
N VAL A 98 -1.12 -7.87 2.35
CA VAL A 98 -0.03 -8.81 2.08
C VAL A 98 0.52 -9.39 3.37
N VAL A 99 0.38 -8.67 4.49
CA VAL A 99 0.96 -9.16 5.73
C VAL A 99 0.15 -10.23 6.43
N TRP A 100 -1.06 -10.56 5.94
CA TRP A 100 -1.90 -11.52 6.64
C TRP A 100 -1.80 -12.95 6.09
N THR A 101 -1.00 -13.17 5.04
CA THR A 101 -0.93 -14.50 4.42
C THR A 101 -0.55 -15.57 5.46
N ALA A 102 0.56 -15.36 6.18
CA ALA A 102 1.06 -16.41 7.05
C ALA A 102 -0.01 -16.79 8.04
N GLU A 103 -0.62 -15.79 8.68
CA GLU A 103 -1.63 -16.13 9.69
C GLU A 103 -2.80 -16.88 9.07
N PHE A 104 -3.26 -16.41 7.91
CA PHE A 104 -4.50 -16.96 7.38
C PHE A 104 -4.22 -18.32 6.78
N ALA A 105 -3.01 -18.53 6.26
CA ALA A 105 -2.67 -19.85 5.73
C ALA A 105 -2.52 -20.82 6.89
N GLU A 106 -1.83 -20.40 7.93
CA GLU A 106 -1.50 -21.33 8.99
C GLU A 106 -2.76 -21.75 9.76
N ALA A 107 -3.73 -20.84 9.88
CA ALA A 107 -4.96 -21.09 10.60
C ALA A 107 -5.93 -21.96 9.81
N GLY A 108 -5.69 -22.16 8.51
CA GLY A 108 -6.65 -22.81 7.62
C GLY A 108 -7.77 -21.91 7.13
N TRP A 109 -7.66 -20.60 7.36
CA TRP A 109 -8.72 -19.68 6.99
C TRP A 109 -8.71 -19.36 5.52
N ALA A 110 -7.53 -19.24 4.92
CA ALA A 110 -7.39 -19.06 3.48
C ALA A 110 -7.12 -20.43 2.89
N LEU A 111 -8.00 -20.89 2.01
CA LEU A 111 -7.75 -22.17 1.36
C LEU A 111 -6.52 -22.06 0.47
N PRO A 112 -5.68 -23.09 0.39
CA PRO A 112 -4.61 -23.08 -0.61
C PRO A 112 -5.23 -23.03 -2.00
N LEU A 113 -4.52 -22.42 -2.93
CA LEU A 113 -5.08 -22.31 -4.28
C LEU A 113 -5.24 -23.71 -4.90
N SER A 114 -4.52 -24.66 -4.35
CA SER A 114 -4.69 -26.05 -4.86
C SER A 114 -6.03 -26.68 -4.48
N ASP A 115 -6.79 -26.09 -3.56
CA ASP A 115 -8.15 -26.51 -3.23
C ASP A 115 -9.18 -26.06 -4.23
N ASP A 116 -8.82 -25.33 -5.28
CA ASP A 116 -9.79 -25.01 -6.32
C ASP A 116 -10.27 -26.33 -6.95
N PRO A 117 -11.56 -26.66 -6.87
CA PRO A 117 -12.03 -27.89 -7.54
C PRO A 117 -11.68 -27.95 -9.00
N ALA A 118 -11.66 -26.79 -9.68
CA ALA A 118 -11.31 -26.76 -11.10
C ALA A 118 -9.84 -26.92 -11.36
N GLY A 119 -8.98 -26.78 -10.36
CA GLY A 119 -7.56 -26.95 -10.60
C GLY A 119 -6.93 -25.84 -11.44
N LEU A 120 -7.57 -24.66 -11.49
CA LEU A 120 -7.11 -23.58 -12.35
C LEU A 120 -6.49 -22.42 -11.58
N ALA A 121 -6.76 -22.35 -10.29
CA ALA A 121 -6.39 -21.14 -9.52
C ALA A 121 -4.88 -20.95 -9.44
N GLU A 122 -4.09 -22.03 -9.22
CA GLU A 122 -2.65 -21.88 -9.06
C GLU A 122 -2.01 -21.32 -10.32
N ASN A 123 -2.35 -21.93 -11.49
CA ASN A 123 -1.74 -21.43 -12.72
C ASN A 123 -2.22 -20.01 -13.04
N ASP A 124 -3.48 -19.68 -12.75
CA ASP A 124 -3.95 -18.32 -13.02
C ASP A 124 -3.19 -17.31 -12.16
N ALA A 125 -2.90 -17.69 -10.92
CA ALA A 125 -2.29 -16.73 -9.98
C ALA A 125 -0.89 -16.37 -10.43
N VAL A 126 -0.17 -17.35 -11.00
CA VAL A 126 1.21 -17.05 -11.39
C VAL A 126 1.34 -16.44 -12.79
N ALA A 127 0.45 -16.79 -13.73
CA ALA A 127 0.66 -16.38 -15.10
C ALA A 127 0.57 -14.86 -15.26
N ASP A 128 1.61 -14.28 -15.87
CA ASP A 128 1.67 -12.85 -16.15
C ASP A 128 1.59 -12.01 -14.88
N THR A 129 2.09 -12.52 -13.75
CA THR A 129 2.07 -11.79 -12.47
C THR A 129 3.50 -11.49 -12.02
N LEU A 130 3.71 -10.28 -11.53
CA LEU A 130 5.03 -9.90 -11.08
C LEU A 130 5.46 -10.77 -9.91
N PRO A 131 6.76 -11.12 -9.80
CA PRO A 131 7.17 -12.06 -8.73
C PRO A 131 7.10 -11.50 -7.31
N GLY A 132 7.37 -10.21 -7.08
CA GLY A 132 7.28 -9.65 -5.72
C GLY A 132 5.90 -9.86 -5.06
N PRO A 133 4.86 -9.42 -5.77
CA PRO A 133 3.48 -9.68 -5.29
C PRO A 133 3.22 -11.18 -5.04
N LEU A 134 3.75 -12.04 -5.94
CA LEU A 134 3.49 -13.45 -5.75
C LEU A 134 4.11 -13.94 -4.47
N ALA A 135 5.31 -13.46 -4.16
CA ALA A 135 5.94 -13.94 -2.96
C ALA A 135 5.10 -13.61 -1.74
N THR A 136 4.39 -12.47 -1.77
CA THR A 136 3.60 -12.15 -0.60
C THR A 136 2.41 -13.08 -0.41
N ALA A 137 2.07 -13.84 -1.44
CA ALA A 137 0.86 -14.68 -1.35
C ALA A 137 1.16 -16.13 -0.97
N GLY A 138 2.42 -16.45 -0.67
CA GLY A 138 2.80 -17.80 -0.31
C GLY A 138 3.11 -18.01 1.15
N TRP A 139 2.96 -19.26 1.57
CA TRP A 139 3.37 -19.68 2.90
C TRP A 139 3.82 -21.14 2.80
N ASN A 140 5.00 -21.42 3.35
CA ASN A 140 5.54 -22.78 3.33
C ASN A 140 5.46 -23.40 1.94
N HIS A 141 5.90 -22.61 0.95
CA HIS A 141 6.09 -23.06 -0.42
C HIS A 141 4.78 -23.44 -1.12
N LYS A 142 3.65 -22.85 -0.70
CA LYS A 142 2.38 -23.03 -1.42
C LYS A 142 1.72 -21.65 -1.56
N LEU A 143 0.96 -21.44 -2.64
CA LEU A 143 0.16 -20.21 -2.74
C LEU A 143 -1.16 -20.35 -1.98
N TYR A 144 -1.51 -19.31 -1.19
CA TYR A 144 -2.78 -19.28 -0.46
C TYR A 144 -3.64 -18.11 -0.89
N ALA A 145 -3.26 -17.40 -1.94
CA ALA A 145 -4.05 -16.29 -2.46
C ALA A 145 -3.50 -15.93 -3.83
N ALA A 146 -4.31 -15.21 -4.60
CA ALA A 146 -3.95 -14.72 -5.94
C ALA A 146 -3.74 -13.20 -5.89
N PRO A 147 -2.54 -12.70 -6.08
CA PRO A 147 -2.34 -11.23 -5.95
C PRO A 147 -3.32 -10.48 -6.85
N VAL A 148 -3.91 -9.38 -6.35
CA VAL A 148 -4.68 -8.55 -7.26
C VAL A 148 -4.14 -7.10 -7.34
N THR A 149 -3.61 -6.56 -6.25
CA THR A 149 -2.96 -5.24 -6.34
C THR A 149 -1.69 -5.28 -5.54
N THR A 150 -0.76 -4.42 -5.92
CA THR A 150 0.49 -4.31 -5.16
C THR A 150 0.68 -2.86 -4.77
N ASN A 151 1.84 -2.50 -4.20
CA ASN A 151 1.93 -1.15 -3.71
C ASN A 151 3.38 -0.92 -3.33
N THR A 152 3.82 0.33 -3.50
CA THR A 152 5.19 0.73 -3.15
C THR A 152 5.14 2.24 -3.04
N GLN A 153 5.87 2.82 -2.10
CA GLN A 153 5.75 4.26 -1.86
C GLN A 153 6.76 5.06 -2.71
N LEU A 154 6.31 6.22 -3.18
CA LEU A 154 7.11 7.17 -3.94
C LEU A 154 7.18 8.49 -3.21
N LEU A 155 8.14 9.33 -3.61
CA LEU A 155 8.19 10.73 -3.21
C LEU A 155 7.28 11.52 -4.15
N TRP A 156 6.44 12.39 -3.59
CA TRP A 156 5.62 13.30 -4.35
C TRP A 156 5.99 14.70 -3.89
N TYR A 157 6.08 15.63 -4.84
CA TYR A 157 6.53 16.95 -4.41
C TYR A 157 5.83 18.04 -5.22
N ARG A 158 5.92 19.27 -4.73
CA ARG A 158 5.42 20.44 -5.44
C ARG A 158 6.54 21.00 -6.31
N PRO A 159 6.55 20.81 -7.62
CA PRO A 159 7.65 21.32 -8.44
C PRO A 159 7.70 22.84 -8.51
N ASP A 160 6.59 23.51 -8.23
CA ASP A 160 6.57 24.98 -8.24
C ASP A 160 7.17 25.55 -6.98
N LEU A 161 7.40 24.72 -5.96
CA LEU A 161 8.00 25.16 -4.70
C LEU A 161 9.34 24.52 -4.42
N VAL A 162 9.61 23.36 -5.01
CA VAL A 162 10.79 22.53 -4.80
C VAL A 162 11.45 22.35 -6.16
N ASN A 163 12.68 22.88 -6.29
CA ASN A 163 13.34 22.93 -7.60
C ASN A 163 13.66 21.53 -8.13
N SER A 164 14.26 20.68 -7.29
CA SER A 164 14.55 19.31 -7.66
C SER A 164 14.12 18.38 -6.52
N PRO A 165 13.57 17.21 -6.83
CA PRO A 165 13.08 16.32 -5.76
C PRO A 165 14.24 15.77 -4.94
N PRO A 166 14.18 15.90 -3.60
CA PRO A 166 15.22 15.30 -2.77
C PRO A 166 15.52 13.86 -3.12
N THR A 167 16.81 13.54 -3.27
CA THR A 167 17.14 12.17 -3.63
C THR A 167 17.39 11.24 -2.45
N ASP A 168 17.54 11.75 -1.23
CA ASP A 168 17.81 10.94 -0.06
C ASP A 168 17.24 11.67 1.16
N TRP A 169 17.26 11.00 2.32
CA TRP A 169 16.55 11.56 3.47
C TRP A 169 17.25 12.80 4.03
N ASN A 170 18.57 12.83 3.96
CA ASN A 170 19.26 14.06 4.36
C ASN A 170 18.77 15.26 3.52
N ALA A 171 18.62 15.05 2.20
CA ALA A 171 18.11 16.11 1.32
C ALA A 171 16.66 16.45 1.58
N MET A 172 15.83 15.46 1.97
CA MET A 172 14.46 15.74 2.39
C MET A 172 14.44 16.70 3.55
N ILE A 173 15.26 16.42 4.56
CA ILE A 173 15.28 17.25 5.77
C ILE A 173 15.77 18.65 5.43
N ALA A 174 16.82 18.71 4.58
CA ALA A 174 17.34 20.02 4.21
C ALA A 174 16.31 20.82 3.42
N GLU A 175 15.55 20.13 2.51
CA GLU A 175 14.58 20.87 1.74
C GLU A 175 13.44 21.35 2.62
N ALA A 176 13.03 20.53 3.60
CA ALA A 176 11.95 20.96 4.46
C ALA A 176 12.36 22.15 5.31
N ALA A 177 13.61 22.14 5.79
CA ALA A 177 14.08 23.29 6.58
C ALA A 177 14.12 24.56 5.73
N ARG A 178 14.55 24.43 4.48
CA ARG A 178 14.53 25.54 3.54
C ARG A 178 13.13 26.06 3.29
N LEU A 179 12.18 25.17 2.97
CA LEU A 179 10.80 25.60 2.86
C LEU A 179 10.34 26.35 4.11
N HIS A 180 10.62 25.82 5.29
CA HIS A 180 10.18 26.48 6.53
C HIS A 180 10.76 27.90 6.64
N ALA A 181 12.02 28.07 6.31
CA ALA A 181 12.61 29.39 6.48
C ALA A 181 12.08 30.38 5.44
N ALA A 182 11.65 29.87 4.28
CA ALA A 182 10.99 30.67 3.25
C ALA A 182 9.50 30.90 3.50
N GLY A 183 8.95 30.44 4.62
CA GLY A 183 7.53 30.57 4.86
C GLY A 183 6.63 29.74 3.96
N GLU A 184 7.16 28.72 3.35
CA GLU A 184 6.39 27.78 2.51
C GLU A 184 6.01 26.54 3.29
N PRO A 185 5.07 25.72 2.81
CA PRO A 185 4.69 24.54 3.60
C PRO A 185 5.88 23.60 3.83
N SER A 186 6.05 23.21 5.09
CA SER A 186 7.30 22.58 5.52
C SER A 186 7.15 21.19 6.10
N TRP A 187 5.93 20.65 6.21
CA TRP A 187 5.78 19.30 6.73
C TRP A 187 6.38 18.33 5.73
N ILE A 188 6.94 17.26 6.27
CA ILE A 188 7.28 16.08 5.43
C ILE A 188 6.13 15.10 5.67
N ALA A 189 5.22 14.99 4.72
CA ALA A 189 4.00 14.24 4.97
C ALA A 189 4.24 12.79 4.53
N VAL A 190 4.60 11.92 5.48
CA VAL A 190 4.72 10.48 5.27
C VAL A 190 3.43 9.82 5.71
N GLN A 191 2.92 8.88 4.90
CA GLN A 191 1.70 8.19 5.31
C GLN A 191 1.98 7.20 6.44
N ALA A 192 1.91 7.69 7.68
CA ALA A 192 2.30 6.95 8.89
C ALA A 192 1.76 7.74 10.07
N ASN A 193 1.13 7.04 11.01
CA ASN A 193 0.74 7.73 12.22
C ASN A 193 1.31 6.92 13.38
N GLN A 194 0.45 6.11 14.01
CA GLN A 194 0.88 5.28 15.12
C GLN A 194 0.58 3.81 14.87
N GLY A 195 0.41 3.44 13.59
CA GLY A 195 0.01 2.07 13.26
C GLY A 195 0.86 1.44 12.19
N GLU A 196 0.14 0.70 11.31
CA GLU A 196 0.88 -0.11 10.32
C GLU A 196 1.78 0.76 9.45
N GLY A 197 1.34 1.96 9.08
CA GLY A 197 2.13 2.78 8.19
C GLY A 197 3.44 3.22 8.82
N LEU A 198 3.46 3.40 10.13
CA LEU A 198 4.73 3.70 10.80
C LEU A 198 5.65 2.48 10.79
N VAL A 199 5.07 1.27 10.97
CA VAL A 199 5.86 0.06 10.88
C VAL A 199 6.43 -0.08 9.48
N VAL A 200 5.61 0.22 8.45
CA VAL A 200 6.10 0.16 7.06
C VAL A 200 7.28 1.11 6.84
N TRP A 201 7.16 2.37 7.34
CA TRP A 201 8.22 3.35 7.17
C TRP A 201 9.52 2.85 7.82
N PHE A 202 9.40 2.39 9.07
CA PHE A 202 10.55 1.84 9.76
C PHE A 202 11.15 0.66 9.00
N ASN A 203 10.28 -0.26 8.51
CA ASN A 203 10.79 -1.43 7.81
C ASN A 203 11.57 -1.04 6.56
N THR A 204 11.07 -0.05 5.81
CA THR A 204 11.78 0.38 4.61
C THR A 204 13.14 0.96 4.97
N LEU A 205 13.17 1.80 6.00
CA LEU A 205 14.48 2.35 6.40
C LEU A 205 15.42 1.25 6.85
N LEU A 206 14.92 0.34 7.67
CA LEU A 206 15.71 -0.76 8.23
C LEU A 206 16.29 -1.66 7.15
N VAL A 207 15.44 -2.14 6.22
CA VAL A 207 15.95 -3.07 5.19
C VAL A 207 16.86 -2.35 4.21
N SER A 208 16.57 -1.05 3.94
CA SER A 208 17.45 -0.27 3.08
C SER A 208 18.82 -0.13 3.69
N ALA A 209 18.89 -0.12 5.03
CA ALA A 209 20.17 -0.01 5.74
C ALA A 209 20.83 -1.38 5.93
N GLY A 210 20.19 -2.47 5.45
CA GLY A 210 20.73 -3.82 5.59
C GLY A 210 20.23 -4.61 6.78
N GLY A 211 19.23 -4.11 7.51
CA GLY A 211 18.69 -4.80 8.67
C GLY A 211 17.44 -5.61 8.31
N SER A 212 16.89 -6.24 9.34
CA SER A 212 15.67 -7.05 9.21
C SER A 212 15.05 -7.20 10.58
N VAL A 213 13.71 -7.19 10.66
CA VAL A 213 13.10 -7.38 11.96
C VAL A 213 13.32 -8.79 12.46
N LEU A 214 12.99 -9.80 11.62
CA LEU A 214 13.11 -11.19 11.98
C LEU A 214 14.02 -11.93 11.01
N SER A 215 14.52 -13.08 11.44
CA SER A 215 15.15 -13.97 10.48
C SER A 215 14.12 -14.44 9.44
N GLU A 216 14.67 -14.93 8.33
CA GLU A 216 13.94 -15.50 7.21
C GLU A 216 12.74 -16.38 7.63
N ASP A 217 12.98 -17.33 8.54
CA ASP A 217 11.91 -18.22 9.00
C ASP A 217 11.00 -17.58 10.04
N GLY A 218 11.29 -16.37 10.50
CA GLY A 218 10.40 -15.79 11.44
C GLY A 218 10.55 -16.30 12.85
N ARG A 219 11.59 -17.09 13.12
CA ARG A 219 11.73 -17.64 14.47
C ARG A 219 12.70 -16.89 15.36
N HIS A 220 13.43 -15.89 14.84
CA HIS A 220 14.38 -15.15 15.66
C HIS A 220 14.26 -13.66 15.36
N VAL A 221 14.51 -12.84 16.39
CA VAL A 221 14.55 -11.39 16.26
C VAL A 221 15.96 -10.98 15.83
N THR A 222 16.06 -10.17 14.76
CA THR A 222 17.36 -9.82 14.19
C THR A 222 17.59 -8.31 14.16
N LEU A 223 16.89 -7.56 15.02
CA LEU A 223 17.09 -6.10 15.12
C LEU A 223 18.44 -5.73 15.75
N THR A 224 18.92 -6.53 16.73
CA THR A 224 20.15 -6.17 17.44
C THR A 224 21.07 -7.37 17.67
N ASP A 225 20.89 -8.49 16.96
CA ASP A 225 21.61 -9.70 17.34
C ASP A 225 23.05 -9.77 16.82
N THR A 226 23.44 -8.90 15.88
CA THR A 226 24.81 -8.80 15.38
C THR A 226 25.12 -7.31 15.31
N PRO A 227 26.40 -6.94 15.27
CA PRO A 227 26.72 -5.52 15.10
C PRO A 227 26.19 -4.89 13.81
N ALA A 228 26.28 -5.60 12.68
CA ALA A 228 25.72 -5.06 11.43
C ALA A 228 24.22 -4.84 11.54
N HIS A 229 23.52 -5.78 12.19
CA HIS A 229 22.06 -5.63 12.31
C HIS A 229 21.71 -4.48 13.26
N ARG A 230 22.42 -4.38 14.39
CA ARG A 230 22.18 -3.29 15.31
C ARG A 230 22.44 -1.94 14.63
N ALA A 231 23.57 -1.84 13.89
CA ALA A 231 23.91 -0.59 13.19
C ALA A 231 22.81 -0.19 12.22
N ALA A 232 22.22 -1.18 11.52
CA ALA A 232 21.12 -0.89 10.61
C ALA A 232 19.90 -0.35 11.35
N THR A 233 19.54 -0.99 12.47
CA THR A 233 18.40 -0.55 13.26
C THR A 233 18.60 0.87 13.77
N VAL A 234 19.79 1.15 14.31
CA VAL A 234 20.11 2.51 14.79
C VAL A 234 20.03 3.53 13.65
N SER A 235 20.56 3.21 12.48
CA SER A 235 20.53 4.17 11.36
C SER A 235 19.09 4.47 10.95
N ALA A 236 18.24 3.45 10.91
CA ALA A 236 16.84 3.70 10.58
C ALA A 236 16.15 4.58 11.63
N LEU A 237 16.33 4.25 12.92
CA LEU A 237 15.75 5.08 13.98
C LEU A 237 16.27 6.50 13.96
N GLN A 238 17.52 6.70 13.56
CA GLN A 238 18.08 8.05 13.47
C GLN A 238 17.37 8.86 12.40
N ILE A 239 17.03 8.21 11.26
CA ILE A 239 16.29 8.93 10.23
C ILE A 239 14.91 9.34 10.75
N LEU A 240 14.18 8.41 11.38
CA LEU A 240 12.84 8.75 11.91
C LEU A 240 12.94 9.93 12.88
N LYS A 241 13.87 9.86 13.81
CA LYS A 241 14.00 10.96 14.80
C LYS A 241 14.36 12.28 14.14
N SER A 242 15.22 12.26 13.12
CA SER A 242 15.64 13.48 12.42
C SER A 242 14.51 14.10 11.66
N VAL A 243 13.76 13.28 10.93
CA VAL A 243 12.57 13.79 10.27
C VAL A 243 11.60 14.37 11.29
N ALA A 244 11.40 13.68 12.43
CA ALA A 244 10.45 14.17 13.42
C ALA A 244 10.80 15.54 13.95
N THR A 245 12.08 15.86 14.04
CA THR A 245 12.54 17.07 14.73
C THR A 245 13.15 18.08 13.77
N THR A 246 12.70 18.07 12.50
CA THR A 246 13.14 19.04 11.49
C THR A 246 12.31 20.33 11.62
N PRO A 247 12.93 21.52 11.52
CA PRO A 247 12.14 22.75 11.68
C PRO A 247 10.94 22.73 10.76
N GLY A 248 9.81 23.23 11.25
CA GLY A 248 8.59 23.18 10.45
C GLY A 248 7.88 21.85 10.41
N ALA A 249 8.25 20.89 11.28
CA ALA A 249 7.64 19.57 11.23
C ALA A 249 6.18 19.68 11.65
N ASP A 250 5.38 18.75 11.17
CA ASP A 250 3.97 18.70 11.51
C ASP A 250 3.81 18.58 13.03
N PRO A 251 3.12 19.53 13.67
CA PRO A 251 2.88 19.41 15.12
C PRO A 251 2.04 18.20 15.51
N SER A 252 1.40 17.52 14.55
CA SER A 252 0.55 16.34 14.78
C SER A 252 1.32 15.06 15.02
N ILE A 253 2.64 15.06 14.82
CA ILE A 253 3.43 13.90 15.22
C ILE A 253 3.19 13.55 16.68
N THR A 254 3.13 14.56 17.55
CA THR A 254 3.00 14.30 18.98
C THR A 254 1.56 14.15 19.44
N ARG A 255 0.63 14.15 18.47
CA ARG A 255 -0.82 13.99 18.80
C ARG A 255 -1.25 12.55 18.45
N THR A 256 -2.48 12.18 18.83
CA THR A 256 -2.99 10.81 18.56
C THR A 256 -3.93 10.86 17.35
N GLU A 257 -4.52 12.02 17.08
CA GLU A 257 -5.46 12.21 15.94
C GLU A 257 -4.87 11.63 14.66
N GLU A 258 -5.65 10.82 13.95
CA GLU A 258 -5.22 10.20 12.66
C GLU A 258 -5.05 11.29 11.61
N GLY A 259 -4.13 11.08 10.67
CA GLY A 259 -3.86 12.06 9.65
C GLY A 259 -3.69 11.34 8.34
N SER A 260 -3.92 12.08 7.27
CA SER A 260 -3.79 11.57 5.90
C SER A 260 -2.73 12.41 5.24
N ALA A 261 -1.63 11.76 4.81
CA ALA A 261 -0.62 12.53 4.11
C ALA A 261 -1.14 13.00 2.76
N ARG A 262 -2.01 12.19 2.17
CA ARG A 262 -2.61 12.51 0.88
C ARG A 262 -3.38 13.83 0.98
N LEU A 263 -4.21 13.95 2.01
CA LEU A 263 -5.02 15.17 2.17
C LEU A 263 -4.16 16.34 2.60
N ALA A 264 -3.15 16.09 3.44
CA ALA A 264 -2.25 17.16 3.83
C ALA A 264 -1.62 17.82 2.63
N PHE A 265 -1.17 17.02 1.65
CA PHE A 265 -0.58 17.58 0.46
C PHE A 265 -1.64 18.25 -0.43
N GLU A 266 -2.77 17.57 -0.66
CA GLU A 266 -3.83 18.18 -1.48
C GLU A 266 -4.30 19.51 -0.89
N GLN A 267 -4.23 19.67 0.44
CA GLN A 267 -4.64 20.93 1.09
C GLN A 267 -3.55 21.99 1.12
N GLY A 268 -2.35 21.70 0.60
CA GLY A 268 -1.25 22.66 0.60
C GLY A 268 -0.47 22.78 1.88
N LYS A 269 -0.60 21.82 2.79
CA LYS A 269 0.08 21.83 4.07
C LYS A 269 1.46 21.16 4.01
N ALA A 270 1.77 20.42 2.94
CA ALA A 270 3.10 19.84 2.74
C ALA A 270 3.48 19.99 1.27
N ALA A 271 4.76 20.24 1.00
CA ALA A 271 5.26 20.25 -0.35
C ALA A 271 6.05 18.98 -0.67
N LEU A 272 6.21 18.10 0.30
CA LEU A 272 6.91 16.83 0.20
C LEU A 272 6.03 15.77 0.85
N GLU A 273 5.80 14.64 0.15
CA GLU A 273 4.90 13.62 0.64
C GLU A 273 5.53 12.29 0.27
N VAL A 274 5.54 11.34 1.17
CA VAL A 274 5.97 9.98 0.82
C VAL A 274 4.71 9.13 0.97
N ASN A 275 4.26 8.49 -0.11
CA ASN A 275 2.95 7.82 -0.08
C ASN A 275 2.83 6.84 -1.23
N TRP A 276 1.83 5.97 -1.08
CA TRP A 276 1.49 4.97 -2.11
C TRP A 276 0.95 5.69 -3.35
N PRO A 277 0.98 5.03 -4.51
CA PRO A 277 0.73 5.74 -5.78
C PRO A 277 -0.76 6.09 -6.03
N PHE A 278 -1.71 5.65 -5.20
CA PHE A 278 -3.11 6.08 -5.34
C PHE A 278 -3.25 7.60 -5.24
N VAL A 279 -2.24 8.30 -4.69
CA VAL A 279 -2.37 9.74 -4.57
C VAL A 279 -2.36 10.39 -5.95
N PHE A 280 -1.87 9.70 -6.96
CA PHE A 280 -1.89 10.31 -8.30
C PHE A 280 -3.35 10.43 -8.75
N ALA A 281 -4.07 9.30 -8.72
CA ALA A 281 -5.46 9.35 -9.17
C ALA A 281 -6.24 10.31 -8.30
N SER A 282 -5.91 10.34 -7.00
CA SER A 282 -6.65 11.21 -6.09
C SER A 282 -6.40 12.68 -6.40
N MET A 283 -5.15 13.03 -6.73
CA MET A 283 -4.85 14.41 -7.08
C MET A 283 -5.70 14.85 -8.28
N LEU A 284 -5.74 14.03 -9.35
CA LEU A 284 -6.48 14.50 -10.52
C LEU A 284 -7.98 14.58 -10.22
N GLU A 285 -8.50 13.55 -9.52
CA GLU A 285 -9.94 13.49 -9.30
C GLU A 285 -10.38 14.61 -8.35
N ASN A 286 -9.67 14.77 -7.22
CA ASN A 286 -10.08 15.80 -6.29
C ASN A 286 -9.85 17.18 -6.86
N ALA A 287 -8.84 17.34 -7.73
CA ALA A 287 -8.61 18.64 -8.34
C ALA A 287 -9.79 18.98 -9.24
N VAL A 288 -10.29 18.00 -9.99
CA VAL A 288 -11.42 18.25 -10.88
C VAL A 288 -12.69 18.49 -10.07
N LYS A 289 -12.77 17.91 -8.86
CA LYS A 289 -13.96 18.14 -8.03
C LYS A 289 -13.93 19.51 -7.37
N GLY A 290 -12.79 20.17 -7.37
CA GLY A 290 -12.66 21.44 -6.68
C GLY A 290 -11.97 21.38 -5.35
N GLY A 291 -11.30 20.25 -5.02
CA GLY A 291 -10.80 20.01 -3.68
C GLY A 291 -9.32 20.29 -3.50
N VAL A 292 -8.66 20.84 -4.49
CA VAL A 292 -7.23 21.13 -4.41
C VAL A 292 -6.96 22.58 -4.73
N PRO A 293 -6.68 23.42 -3.73
CA PRO A 293 -6.67 24.89 -3.99
C PRO A 293 -5.62 25.35 -4.98
N PHE A 294 -4.47 24.65 -5.08
CA PHE A 294 -3.41 25.06 -5.99
C PHE A 294 -3.50 24.40 -7.36
N LEU A 295 -4.59 23.63 -7.64
CA LEU A 295 -4.80 22.98 -8.94
C LEU A 295 -6.30 23.01 -9.21
N PRO A 296 -6.83 24.15 -9.66
CA PRO A 296 -8.29 24.28 -9.81
C PRO A 296 -8.74 23.79 -11.17
N LEU A 297 -8.62 22.46 -11.37
CA LEU A 297 -9.04 21.82 -12.59
C LEU A 297 -10.55 21.96 -12.83
N ASN A 298 -11.32 22.12 -11.77
CA ASN A 298 -12.77 22.33 -11.96
C ASN A 298 -13.08 23.63 -12.69
N ARG A 299 -12.14 24.56 -12.76
CA ARG A 299 -12.32 25.80 -13.52
C ARG A 299 -11.91 25.70 -14.99
N ILE A 300 -11.53 24.51 -15.47
CA ILE A 300 -11.24 24.29 -16.88
C ILE A 300 -12.51 23.79 -17.55
N PRO A 301 -13.14 24.58 -18.44
CA PRO A 301 -14.46 24.16 -18.97
C PRO A 301 -14.40 22.82 -19.67
N GLN A 302 -13.26 22.51 -20.32
CA GLN A 302 -13.07 21.22 -21.02
C GLN A 302 -13.17 20.01 -20.09
N LEU A 303 -12.99 20.19 -18.78
CA LEU A 303 -13.10 19.09 -17.83
C LEU A 303 -14.49 18.96 -17.21
N ALA A 304 -15.41 19.88 -17.52
CA ALA A 304 -16.74 19.79 -16.92
C ALA A 304 -17.43 18.49 -17.33
N GLY A 305 -18.08 17.83 -16.36
CA GLY A 305 -18.74 16.54 -16.57
C GLY A 305 -17.83 15.33 -16.64
N SER A 306 -16.52 15.49 -16.37
CA SER A 306 -15.62 14.36 -16.43
C SER A 306 -15.65 13.54 -15.15
N ILE A 307 -16.27 14.03 -14.09
CA ILE A 307 -16.59 13.21 -12.93
C ILE A 307 -17.88 12.47 -13.28
N ASN A 308 -17.90 11.14 -13.15
CA ASN A 308 -19.12 10.43 -13.52
C ASN A 308 -20.17 10.46 -12.40
N ASP A 309 -21.29 9.74 -12.63
CA ASP A 309 -22.43 10.01 -11.75
C ASP A 309 -22.31 9.40 -10.35
N ILE A 310 -21.33 8.53 -10.11
CA ILE A 310 -21.04 8.07 -8.77
C ILE A 310 -19.68 8.58 -8.26
N GLY A 311 -19.12 9.62 -8.90
CA GLY A 311 -18.00 10.36 -8.28
C GLY A 311 -16.62 9.96 -8.73
N THR A 312 -16.48 9.23 -9.82
CA THR A 312 -15.17 8.81 -10.31
C THR A 312 -14.73 9.62 -11.52
N PHE A 313 -13.49 10.13 -11.50
CA PHE A 313 -12.98 10.86 -12.64
C PHE A 313 -12.78 9.88 -13.81
N THR A 314 -13.46 10.07 -14.93
CA THR A 314 -13.45 9.13 -16.05
C THR A 314 -13.22 9.94 -17.33
N PRO A 315 -12.02 10.50 -17.48
CA PRO A 315 -11.77 11.42 -18.59
C PRO A 315 -11.63 10.70 -19.92
N SER A 316 -11.98 11.42 -21.00
CA SER A 316 -11.51 11.08 -22.33
C SER A 316 -9.97 11.19 -22.40
N ASP A 317 -9.38 10.66 -23.47
CA ASP A 317 -7.95 10.84 -23.67
C ASP A 317 -7.53 12.33 -23.66
N GLU A 318 -8.28 13.17 -24.39
CA GLU A 318 -8.00 14.61 -24.36
C GLU A 318 -8.13 15.19 -22.97
N GLN A 319 -9.18 14.82 -22.25
CA GLN A 319 -9.35 15.37 -20.91
C GLN A 319 -8.24 14.92 -19.97
N PHE A 320 -7.80 13.65 -20.10
CA PHE A 320 -6.64 13.22 -19.32
C PHE A 320 -5.41 14.05 -19.66
N ARG A 321 -5.14 14.29 -20.95
CA ARG A 321 -3.97 15.08 -21.32
C ARG A 321 -4.03 16.44 -20.66
N ILE A 322 -5.20 17.08 -20.74
CA ILE A 322 -5.35 18.40 -20.16
C ILE A 322 -5.09 18.38 -18.65
N ALA A 323 -5.71 17.43 -17.96
CA ALA A 323 -5.59 17.35 -16.51
C ALA A 323 -4.15 17.03 -16.11
N TYR A 324 -3.56 16.04 -16.77
CA TYR A 324 -2.19 15.67 -16.39
C TYR A 324 -1.21 16.79 -16.70
N ASP A 325 -1.31 17.39 -17.89
CA ASP A 325 -0.39 18.47 -18.23
C ASP A 325 -0.47 19.61 -17.23
N ALA A 326 -1.70 20.00 -16.84
CA ALA A 326 -1.86 21.04 -15.82
C ALA A 326 -1.30 20.59 -14.49
N SER A 327 -1.48 19.31 -14.13
CA SER A 327 -1.01 18.85 -12.83
C SER A 327 0.52 18.88 -12.77
N GLN A 328 1.21 18.82 -13.91
CA GLN A 328 2.69 18.70 -13.86
C GLN A 328 3.35 19.94 -13.32
N GLN A 329 2.66 21.08 -13.33
CA GLN A 329 3.19 22.32 -12.77
C GLN A 329 3.28 22.30 -11.26
N VAL A 330 2.46 21.49 -10.58
CA VAL A 330 2.32 21.54 -9.13
C VAL A 330 2.44 20.16 -8.48
N PHE A 331 2.61 19.10 -9.25
CA PHE A 331 2.62 17.75 -8.71
C PHE A 331 3.61 16.92 -9.52
N GLY A 332 4.65 16.44 -8.85
CA GLY A 332 5.59 15.55 -9.49
C GLY A 332 5.88 14.36 -8.59
N PHE A 333 6.48 13.34 -9.19
CA PHE A 333 6.86 12.16 -8.44
C PHE A 333 8.31 11.79 -8.71
N ALA A 334 8.82 10.95 -7.83
CA ALA A 334 10.23 10.57 -7.87
C ALA A 334 10.42 9.34 -7.01
N PRO A 335 11.56 8.66 -7.11
CA PRO A 335 11.80 7.47 -6.27
C PRO A 335 11.69 7.79 -4.79
N TYR A 336 11.38 6.73 -4.01
CA TYR A 336 11.44 6.82 -2.57
C TYR A 336 12.82 7.36 -2.19
N PRO A 337 12.94 8.31 -1.27
CA PRO A 337 14.30 8.81 -0.92
C PRO A 337 15.25 7.67 -0.49
N ALA A 338 16.50 7.75 -0.98
CA ALA A 338 17.51 6.80 -0.55
C ALA A 338 17.93 7.02 0.92
N VAL A 339 18.30 5.93 1.57
CA VAL A 339 18.71 5.95 2.97
C VAL A 339 20.21 6.19 3.05
N ALA A 340 20.92 5.84 2.01
CA ALA A 340 22.34 6.05 1.95
C ALA A 340 22.61 6.57 0.55
N PRO A 341 23.35 7.66 0.43
CA PRO A 341 23.58 8.24 -0.89
C PRO A 341 24.24 7.23 -1.81
N GLY A 342 23.71 7.13 -3.02
CA GLY A 342 24.27 6.26 -4.02
C GLY A 342 23.61 4.90 -4.18
N GLN A 343 22.61 4.56 -3.35
CA GLN A 343 21.90 3.35 -3.77
C GLN A 343 20.40 3.56 -3.53
N PRO A 344 19.58 3.13 -4.48
CA PRO A 344 18.12 3.20 -4.27
C PRO A 344 17.72 2.47 -3.01
N ALA A 345 16.63 2.94 -2.42
CA ALA A 345 16.06 2.31 -1.25
C ALA A 345 15.50 0.94 -1.62
N LYS A 346 15.37 0.09 -0.61
CA LYS A 346 14.58 -1.14 -0.73
C LYS A 346 13.23 -0.83 -0.08
N VAL A 347 12.19 -0.67 -0.89
CA VAL A 347 10.93 -0.05 -0.44
C VAL A 347 9.93 -1.14 -0.04
N THR A 348 9.32 -1.03 1.15
CA THR A 348 8.41 -2.09 1.62
C THR A 348 7.21 -2.26 0.68
N ILE A 349 6.98 -3.53 0.22
CA ILE A 349 5.87 -3.80 -0.67
C ILE A 349 4.57 -3.89 0.12
N GLY A 350 3.49 -3.48 -0.52
CA GLY A 350 2.15 -3.56 0.07
C GLY A 350 1.19 -4.20 -0.94
N GLY A 351 -0.10 -4.05 -0.66
CA GLY A 351 -1.10 -4.47 -1.63
C GLY A 351 -2.14 -5.43 -1.04
N LEU A 352 -2.81 -6.10 -1.96
CA LEU A 352 -3.95 -6.97 -1.66
C LEU A 352 -3.86 -8.25 -2.45
N ASN A 353 -4.09 -9.37 -1.77
CA ASN A 353 -4.16 -10.69 -2.40
C ASN A 353 -5.56 -11.26 -2.21
N LEU A 354 -6.07 -11.95 -3.25
CA LEU A 354 -7.44 -12.49 -3.15
C LEU A 354 -7.38 -13.90 -2.60
N ALA A 355 -8.07 -14.16 -1.49
CA ALA A 355 -8.07 -15.48 -0.89
C ALA A 355 -9.49 -16.00 -0.84
N VAL A 356 -9.66 -17.30 -0.91
CA VAL A 356 -10.98 -17.91 -0.74
C VAL A 356 -11.07 -18.44 0.68
N ALA A 357 -12.09 -17.94 1.41
CA ALA A 357 -12.30 -18.33 2.81
C ALA A 357 -12.74 -19.79 2.95
N LYS A 358 -12.22 -20.45 3.99
CA LYS A 358 -12.59 -21.85 4.23
C LYS A 358 -14.08 -22.01 4.51
N THR A 359 -14.76 -20.93 4.83
CA THR A 359 -16.18 -20.97 5.13
C THR A 359 -17.05 -21.11 3.89
N THR A 360 -16.53 -20.87 2.69
CA THR A 360 -17.43 -20.77 1.54
C THR A 360 -18.23 -22.05 1.34
N ARG A 361 -19.43 -21.89 0.79
CA ARG A 361 -20.24 -23.08 0.43
C ARG A 361 -20.07 -23.31 -1.08
N HIS A 362 -19.18 -22.54 -1.74
CA HIS A 362 -19.10 -22.68 -3.22
C HIS A 362 -17.68 -22.33 -3.66
N ARG A 363 -16.77 -23.23 -3.36
CA ARG A 363 -15.35 -23.03 -3.69
C ARG A 363 -15.19 -22.81 -5.18
N ALA A 364 -15.88 -23.62 -6.00
CA ALA A 364 -15.65 -23.51 -7.44
C ALA A 364 -15.96 -22.08 -7.94
N GLU A 365 -17.12 -21.54 -7.59
CA GLU A 365 -17.48 -20.20 -8.03
C GLU A 365 -16.60 -19.10 -7.36
N ALA A 366 -16.20 -19.30 -6.12
CA ALA A 366 -15.33 -18.32 -5.46
C ALA A 366 -13.99 -18.24 -6.19
N PHE A 367 -13.39 -19.39 -6.53
CA PHE A 367 -12.12 -19.30 -7.29
C PHE A 367 -12.35 -18.77 -8.73
N GLU A 368 -13.49 -19.13 -9.36
CA GLU A 368 -13.76 -18.52 -10.68
C GLU A 368 -13.90 -16.97 -10.58
N ALA A 369 -14.56 -16.50 -9.53
CA ALA A 369 -14.67 -15.07 -9.30
C ALA A 369 -13.27 -14.44 -9.15
N VAL A 370 -12.42 -15.04 -8.34
CA VAL A 370 -11.04 -14.54 -8.13
C VAL A 370 -10.36 -14.35 -9.49
N ARG A 371 -10.51 -15.35 -10.42
CA ARG A 371 -9.84 -15.18 -11.71
C ARG A 371 -10.42 -14.02 -12.50
N CYS A 372 -11.76 -13.81 -12.45
CA CYS A 372 -12.32 -12.69 -13.20
C CYS A 372 -11.89 -11.35 -12.59
N LEU A 373 -11.87 -11.25 -11.25
CA LEU A 373 -11.59 -9.98 -10.57
C LEU A 373 -10.18 -9.49 -10.89
N ARG A 374 -9.32 -10.38 -11.31
CA ARG A 374 -7.92 -10.00 -11.55
C ARG A 374 -7.57 -10.16 -13.03
N ASP A 375 -8.59 -10.20 -13.93
CA ASP A 375 -8.23 -10.33 -15.32
C ASP A 375 -7.69 -9.03 -15.92
N GLN A 376 -7.20 -9.13 -17.17
CA GLN A 376 -6.44 -8.01 -17.74
C GLN A 376 -7.24 -6.69 -17.71
N HIS A 377 -8.49 -6.71 -18.17
CA HIS A 377 -9.29 -5.49 -18.20
C HIS A 377 -9.51 -4.91 -16.80
N ASN A 378 -9.75 -5.78 -15.82
CA ASN A 378 -9.97 -5.29 -14.48
C ASN A 378 -8.67 -4.85 -13.81
N GLN A 379 -7.54 -5.36 -14.25
CA GLN A 379 -6.23 -4.87 -13.74
C GLN A 379 -5.95 -3.46 -14.25
N ARG A 380 -6.26 -3.27 -15.53
CA ARG A 380 -6.15 -1.92 -16.07
C ARG A 380 -7.05 -0.97 -15.29
N TYR A 381 -8.29 -1.39 -15.00
CA TYR A 381 -9.22 -0.53 -14.25
C TYR A 381 -8.72 -0.23 -12.83
N VAL A 382 -8.22 -1.25 -12.12
CA VAL A 382 -7.87 -1.05 -10.73
C VAL A 382 -6.74 -0.01 -10.63
N SER A 383 -5.83 0.04 -11.63
CA SER A 383 -4.77 1.05 -11.58
C SER A 383 -5.23 2.40 -12.12
N LEU A 384 -5.82 2.43 -13.33
CA LEU A 384 -6.07 3.73 -13.96
C LEU A 384 -7.20 4.50 -13.27
N GLU A 385 -8.27 3.83 -12.83
CA GLU A 385 -9.36 4.46 -12.12
C GLU A 385 -9.26 4.32 -10.62
N GLY A 386 -8.83 3.18 -10.14
CA GLY A 386 -8.77 2.91 -8.73
C GLY A 386 -7.52 3.39 -8.03
N GLY A 387 -6.51 3.75 -8.80
CA GLY A 387 -5.22 4.19 -8.26
C GLY A 387 -4.33 3.11 -7.66
N LEU A 388 -4.68 1.85 -7.75
CA LEU A 388 -3.94 0.79 -7.04
C LEU A 388 -3.03 0.08 -8.03
N PRO A 389 -1.73 -0.04 -7.80
CA PRO A 389 -0.88 -0.71 -8.80
C PRO A 389 -1.29 -2.12 -9.10
N ALA A 390 -1.40 -2.38 -10.39
CA ALA A 390 -1.69 -3.71 -10.90
C ALA A 390 -0.54 -4.67 -10.61
N VAL A 391 -0.88 -5.98 -10.64
CA VAL A 391 0.13 -7.00 -10.45
C VAL A 391 0.53 -7.64 -11.74
N ARG A 392 -0.16 -7.34 -12.84
CA ARG A 392 0.12 -8.04 -14.09
C ARG A 392 1.34 -7.41 -14.76
N ALA A 393 2.36 -8.24 -15.04
CA ALA A 393 3.60 -7.70 -15.56
C ALA A 393 3.38 -7.06 -16.92
N SER A 394 2.46 -7.64 -17.73
CA SER A 394 2.22 -7.15 -19.08
C SER A 394 1.87 -5.66 -19.09
N LEU A 395 1.13 -5.18 -18.09
CA LEU A 395 0.69 -3.79 -18.11
C LEU A 395 1.88 -2.84 -18.00
N TYR A 396 2.88 -3.22 -17.24
CA TYR A 396 4.05 -2.33 -17.09
C TYR A 396 4.89 -2.25 -18.36
N SER A 397 4.59 -3.12 -19.33
CA SER A 397 5.21 -3.12 -20.66
C SER A 397 4.24 -2.66 -21.75
N ASP A 398 3.07 -2.09 -21.38
CA ASP A 398 2.02 -1.80 -22.33
C ASP A 398 1.93 -0.30 -22.53
N PRO A 399 2.21 0.22 -23.73
CA PRO A 399 2.27 1.69 -23.90
C PRO A 399 0.93 2.38 -23.61
N GLN A 400 -0.20 1.70 -23.83
CA GLN A 400 -1.48 2.32 -23.50
C GLN A 400 -1.64 2.52 -22.00
N PHE A 401 -1.16 1.55 -21.21
CA PHE A 401 -1.19 1.67 -19.76
C PHE A 401 -0.19 2.71 -19.29
N GLN A 402 1.01 2.69 -19.86
CA GLN A 402 2.05 3.62 -19.43
C GLN A 402 1.62 5.07 -19.65
N ALA A 403 0.87 5.32 -20.72
CA ALA A 403 0.44 6.69 -21.04
C ALA A 403 -0.46 7.29 -19.97
N LYS A 404 -1.23 6.46 -19.25
CA LYS A 404 -2.15 6.92 -18.22
C LYS A 404 -1.66 6.62 -16.82
N TYR A 405 -0.49 5.99 -16.67
CA TYR A 405 0.03 5.62 -15.35
C TYR A 405 1.48 6.01 -15.37
N PRO A 406 1.78 7.31 -15.26
CA PRO A 406 3.12 7.78 -15.68
C PRO A 406 4.23 7.38 -14.74
N MET A 407 3.89 6.92 -13.53
CA MET A 407 4.90 6.47 -12.54
C MET A 407 5.19 4.97 -12.74
N HIS A 408 4.77 4.39 -13.87
CA HIS A 408 4.92 2.95 -14.03
C HIS A 408 6.36 2.47 -13.87
N ALA A 409 7.34 3.22 -14.37
CA ALA A 409 8.70 2.68 -14.40
C ALA A 409 9.30 2.65 -13.01
N ILE A 410 9.06 3.70 -12.21
CA ILE A 410 9.58 3.70 -10.84
C ILE A 410 8.88 2.62 -10.04
N ILE A 411 7.56 2.46 -10.25
CA ILE A 411 6.86 1.42 -9.52
C ILE A 411 7.47 0.06 -9.84
N ARG A 412 7.61 -0.28 -11.14
CA ARG A 412 8.10 -1.62 -11.46
C ARG A 412 9.52 -1.83 -10.94
N GLN A 413 10.35 -0.77 -10.99
CA GLN A 413 11.71 -0.88 -10.44
C GLN A 413 11.67 -1.14 -8.95
N GLN A 414 10.84 -0.39 -8.22
CA GLN A 414 10.81 -0.61 -6.78
C GLN A 414 10.18 -1.93 -6.39
N LEU A 415 9.25 -2.48 -7.19
CA LEU A 415 8.75 -3.81 -6.90
C LEU A 415 9.75 -4.90 -7.19
N THR A 416 10.74 -4.62 -8.03
CA THR A 416 11.75 -5.61 -8.37
C THR A 416 12.73 -5.82 -7.22
N ASP A 417 13.14 -4.73 -6.57
CA ASP A 417 14.06 -4.83 -5.40
C ASP A 417 13.29 -4.38 -4.16
N ALA A 418 12.14 -5.01 -3.87
CA ALA A 418 11.36 -4.58 -2.72
C ALA A 418 11.88 -5.11 -1.39
N ALA A 419 11.70 -4.32 -0.35
CA ALA A 419 11.74 -4.85 1.01
C ALA A 419 10.42 -5.55 1.34
N VAL A 420 10.46 -6.49 2.29
CA VAL A 420 9.25 -7.19 2.72
C VAL A 420 9.14 -7.08 4.24
N ARG A 421 7.94 -6.81 4.74
CA ARG A 421 7.71 -7.04 6.16
C ARG A 421 7.83 -8.54 6.50
N PRO A 422 8.15 -8.86 7.77
CA PRO A 422 8.29 -10.28 8.13
C PRO A 422 7.00 -11.05 7.90
N ALA A 423 7.10 -12.24 7.31
CA ALA A 423 5.99 -13.18 7.17
C ALA A 423 5.96 -14.07 8.41
N THR A 424 4.91 -13.93 9.22
CA THR A 424 4.80 -14.70 10.44
C THR A 424 3.34 -14.74 10.83
N PRO A 425 2.86 -15.87 11.35
CA PRO A 425 1.47 -15.90 11.83
C PRO A 425 1.20 -14.98 13.01
N VAL A 426 2.22 -14.45 13.69
CA VAL A 426 1.93 -13.53 14.79
C VAL A 426 2.18 -12.09 14.36
N TYR A 427 2.07 -11.82 13.05
CA TYR A 427 2.34 -10.46 12.57
C TYR A 427 1.48 -9.42 13.29
N GLN A 428 0.18 -9.73 13.52
CA GLN A 428 -0.68 -8.75 14.15
C GLN A 428 -0.09 -8.24 15.46
N ALA A 429 0.40 -9.17 16.30
CA ALA A 429 0.91 -8.78 17.60
C ALA A 429 2.26 -8.11 17.45
N LEU A 430 3.08 -8.59 16.50
CA LEU A 430 4.41 -8.00 16.25
C LEU A 430 4.26 -6.55 15.84
N SER A 431 3.36 -6.27 14.91
CA SER A 431 3.19 -4.92 14.42
C SER A 431 2.62 -4.01 15.52
N ILE A 432 1.65 -4.48 16.31
CA ILE A 432 1.13 -3.62 17.39
C ILE A 432 2.27 -3.26 18.34
N ARG A 433 3.08 -4.24 18.71
CA ARG A 433 4.20 -4.01 19.63
C ARG A 433 5.24 -3.06 19.04
N LEU A 434 5.68 -3.30 17.81
CA LEU A 434 6.65 -2.40 17.20
C LEU A 434 6.12 -0.97 17.10
N ALA A 435 4.84 -0.79 16.70
CA ALA A 435 4.29 0.55 16.52
C ALA A 435 4.18 1.30 17.83
N ALA A 436 3.82 0.59 18.91
CA ALA A 436 3.77 1.25 20.22
C ALA A 436 5.15 1.74 20.67
N VAL A 437 6.24 1.04 20.28
CA VAL A 437 7.58 1.53 20.65
C VAL A 437 7.97 2.72 19.79
N LEU A 438 7.74 2.62 18.48
CA LEU A 438 8.16 3.66 17.53
C LEU A 438 7.43 4.99 17.77
N SER A 439 6.16 4.94 18.17
CA SER A 439 5.40 6.20 18.31
C SER A 439 5.44 6.69 19.76
N PRO A 440 5.57 8.02 19.93
CA PRO A 440 5.71 8.98 18.83
C PRO A 440 7.17 9.04 18.38
N ILE A 441 7.42 9.36 17.11
CA ILE A 441 8.80 9.28 16.62
C ILE A 441 9.67 10.41 17.18
N THR A 442 9.04 11.47 17.72
CA THR A 442 9.83 12.49 18.43
C THR A 442 10.49 11.96 19.68
N GLU A 443 10.00 10.87 20.25
CA GLU A 443 10.55 10.29 21.46
C GLU A 443 11.60 9.20 21.22
N ILE A 444 11.96 8.94 19.96
CA ILE A 444 12.95 7.91 19.66
C ILE A 444 14.33 8.33 20.13
N ASP A 445 15.02 7.43 20.82
CA ASP A 445 16.45 7.59 21.12
C ASP A 445 17.13 6.39 20.49
N PRO A 446 17.75 6.52 19.31
CA PRO A 446 18.28 5.37 18.56
C PRO A 446 18.79 4.13 19.32
N GLU A 447 19.69 4.29 20.27
CA GLU A 447 20.29 3.12 20.92
C GLU A 447 19.33 2.44 21.88
N SER A 448 18.68 3.23 22.76
CA SER A 448 17.76 2.60 23.71
C SER A 448 16.48 2.13 23.03
N THR A 449 15.99 2.89 22.04
CA THR A 449 14.80 2.43 21.31
C THR A 449 15.09 1.13 20.56
N ALA A 450 16.30 0.99 20.04
CA ALA A 450 16.65 -0.26 19.32
C ALA A 450 16.48 -1.45 20.26
N ASP A 451 16.97 -1.33 21.51
CA ASP A 451 16.83 -2.44 22.44
C ASP A 451 15.39 -2.69 22.84
N GLU A 452 14.61 -1.60 23.04
CA GLU A 452 13.19 -1.77 23.34
C GLU A 452 12.45 -2.46 22.21
N LEU A 453 12.74 -2.09 20.95
CA LEU A 453 12.12 -2.76 19.80
C LEU A 453 12.42 -4.24 19.79
N ALA A 454 13.69 -4.59 20.01
CA ALA A 454 14.06 -6.00 19.97
C ALA A 454 13.35 -6.79 21.08
N ALA A 455 13.25 -6.21 22.29
CA ALA A 455 12.55 -6.92 23.38
C ALA A 455 11.06 -7.09 23.09
N GLN A 456 10.39 -6.04 22.59
CA GLN A 456 8.98 -6.15 22.23
C GLN A 456 8.76 -7.14 21.09
N ALA A 457 9.63 -7.11 20.08
CA ALA A 457 9.51 -8.09 18.99
C ALA A 457 9.62 -9.50 19.54
N GLN A 458 10.52 -9.69 20.52
CA GLN A 458 10.68 -11.02 21.08
C GLN A 458 9.44 -11.47 21.82
N LYS A 459 8.78 -10.54 22.53
CA LYS A 459 7.55 -10.92 23.21
C LYS A 459 6.53 -11.39 22.19
N ALA A 460 6.46 -10.72 21.04
CA ALA A 460 5.47 -11.11 20.03
C ALA A 460 5.75 -12.51 19.51
N ILE A 461 7.01 -12.78 19.15
CA ILE A 461 7.21 -14.11 18.58
C ILE A 461 7.25 -15.20 19.66
N ASP A 462 7.43 -14.84 20.94
CA ASP A 462 7.31 -15.81 22.02
C ASP A 462 5.88 -16.29 22.20
N GLY A 463 4.91 -15.67 21.53
CA GLY A 463 3.61 -16.31 21.34
C GLY A 463 3.59 -17.30 20.18
N MET A 464 4.78 -17.67 19.68
CA MET A 464 5.01 -18.58 18.53
C MET A 464 4.56 -18.00 17.18
C1 GLC B . -1.36 0.16 2.19
C2 GLC B . -0.58 -1.06 1.79
C3 GLC B . -0.70 -2.08 2.90
C4 GLC B . -0.12 -1.55 4.21
C5 GLC B . -0.90 -0.29 4.59
C6 GLC B . -0.42 0.38 5.87
O2 GLC B . -1.24 -1.52 0.59
O3 GLC B . 0.05 -3.32 2.54
O4 GLC B . -0.31 -2.50 5.23
O5 GLC B . -0.78 0.66 3.45
O6 GLC B . 0.98 0.80 5.68
C1 GLC B . -3.49 1.10 2.73
C2 GLC B . -4.96 0.72 2.89
C3 GLC B . -5.48 0.14 1.65
C4 GLC B . -5.33 1.12 0.48
C5 GLC B . -3.88 1.53 0.34
C6 GLC B . -3.70 2.69 -0.55
O1 GLC B . -2.75 -0.09 2.34
O2 GLC B . -4.96 -0.24 3.94
O3 GLC B . -6.94 -0.18 1.82
O4 GLC B . -5.71 0.52 -0.78
O5 GLC B . -3.42 2.05 1.62
O6 GLC B . -3.31 2.39 -1.82
S SO4 C . -1.13 4.38 10.31
O1 SO4 C . -2.13 4.06 11.32
O2 SO4 C . -1.48 5.60 9.62
O3 SO4 C . -1.14 3.32 9.26
O4 SO4 C . 0.18 4.47 10.94
S SO4 D . -6.21 8.32 3.19
O1 SO4 D . -6.73 9.10 4.29
O2 SO4 D . -7.31 8.04 2.29
O3 SO4 D . -5.27 9.10 2.40
O4 SO4 D . -5.61 7.08 3.67
S SO4 E . -11.50 12.34 0.08
O1 SO4 E . -11.93 13.72 0.34
O2 SO4 E . -12.61 11.43 -0.20
O3 SO4 E . -10.68 12.34 -1.14
O4 SO4 E . -10.86 11.85 1.29
S SO4 F . -26.09 -20.91 -1.50
O1 SO4 F . -26.99 -19.85 -1.94
O2 SO4 F . -26.56 -21.46 -0.24
O3 SO4 F . -24.76 -20.33 -1.31
O4 SO4 F . -26.08 -21.99 -2.49
S SO4 G . -6.44 -0.56 15.08
O1 SO4 G . -7.04 0.56 15.80
O2 SO4 G . -7.32 -1.70 15.13
O3 SO4 G . -5.15 -0.93 15.64
O4 SO4 G . -6.22 -0.15 13.71
S SO4 H . 16.55 -17.22 20.30
O1 SO4 H . 16.73 -16.79 18.94
O2 SO4 H . 15.17 -17.07 20.68
O3 SO4 H . 16.94 -18.61 20.42
O4 SO4 H . 17.37 -16.43 21.17
#